data_5J8E
#
_entry.id   5J8E
#
_cell.length_a   33.920
_cell.length_b   75.880
_cell.length_c   111.850
_cell.angle_alpha   90.00
_cell.angle_beta   90.00
_cell.angle_gamma   90.00
#
_symmetry.space_group_name_H-M   'P 2 21 21'
#
loop_
_entity.id
_entity.type
_entity.pdbx_description
1 polymer 'Protein Hook homolog 3'
2 water water
#
_entity_poly.entity_id   1
_entity_poly.type   'polypeptide(L)'
_entity_poly.pdbx_seq_one_letter_code
;GPLGSMFSVESLERAELCESLLTWIQTFNVDAPCQTVEDLTNGVVMAQVLQKIDPAYFDENWLNRIKTEVGDNWRLKISN
LKKILKGILDYNHEILGQQINDFTLPDVNLIGEHSDAAELGRMLQLILGCAVNCEQKQEYIQAIMMMEESVQHVVMTAIQ
ELMSK
;
_entity_poly.pdbx_strand_id   A,B
#
# COMPACT_ATOMS: atom_id res chain seq x y z
N ARG A 14 3.61 -19.48 0.43
CA ARG A 14 2.35 -19.09 1.07
C ARG A 14 1.75 -17.84 0.41
N ALA A 15 0.42 -17.81 0.35
CA ALA A 15 -0.28 -16.65 -0.18
C ALA A 15 -0.25 -15.48 0.80
N GLU A 16 -0.21 -15.77 2.10
CA GLU A 16 -0.09 -14.73 3.12
C GLU A 16 1.26 -14.03 3.09
N LEU A 17 2.34 -14.79 2.85
CA LEU A 17 3.66 -14.20 2.69
C LEU A 17 3.66 -13.24 1.50
N CYS A 18 2.99 -13.63 0.43
CA CYS A 18 2.93 -12.78 -0.76
C CYS A 18 2.25 -11.45 -0.44
N GLU A 19 1.13 -11.50 0.27
CA GLU A 19 0.46 -10.28 0.70
C GLU A 19 1.38 -9.40 1.53
N SER A 20 2.13 -10.00 2.45
CA SER A 20 3.05 -9.23 3.27
C SER A 20 4.17 -8.61 2.43
N LEU A 21 4.71 -9.38 1.49
CA LEU A 21 5.80 -8.84 0.67
C LEU A 21 5.29 -7.77 -0.28
N LEU A 22 3.99 -7.80 -0.59
CA LEU A 22 3.36 -6.75 -1.39
C LEU A 22 3.46 -5.40 -0.67
N THR A 23 3.31 -5.40 0.64
CA THR A 23 3.36 -4.16 1.41
C THR A 23 4.77 -3.63 1.38
N TRP A 24 5.74 -4.55 1.30
CA TRP A 24 7.13 -4.15 1.16
C TRP A 24 7.37 -3.54 -0.22
N ILE A 25 6.87 -4.18 -1.26
CA ILE A 25 6.94 -3.61 -2.62
C ILE A 25 6.39 -2.19 -2.63
N GLN A 26 5.33 -1.96 -1.86
CA GLN A 26 4.71 -0.65 -1.85
C GLN A 26 5.63 0.42 -1.25
N THR A 27 6.65 0.02 -0.49
CA THR A 27 7.57 1.02 0.06
C THR A 27 8.45 1.64 -1.01
N PHE A 28 8.48 1.06 -2.21
CA PHE A 28 9.35 1.58 -3.28
C PHE A 28 8.71 2.73 -4.02
N ASN A 29 7.40 2.80 -3.97
CA ASN A 29 6.64 3.81 -4.73
C ASN A 29 7.05 3.88 -6.21
N VAL A 30 7.02 2.73 -6.89
CA VAL A 30 7.26 2.71 -8.33
C VAL A 30 6.04 3.27 -9.05
N ASP A 31 6.21 3.57 -10.34
CA ASP A 31 5.18 4.25 -11.12
C ASP A 31 3.93 3.40 -11.35
N ALA A 32 4.12 2.16 -11.82
CA ALA A 32 2.99 1.27 -12.06
C ALA A 32 2.27 0.92 -10.75
N PRO A 33 0.93 0.84 -10.82
CA PRO A 33 0.09 0.45 -9.67
C PRO A 33 0.51 -0.88 -9.07
N CYS A 34 0.42 -1.01 -7.75
CA CYS A 34 0.85 -2.23 -7.08
C CYS A 34 0.08 -2.50 -5.80
N GLN A 35 -1.24 -2.53 -5.90
CA GLN A 35 -2.09 -2.73 -4.73
C GLN A 35 -2.43 -4.20 -4.51
N THR A 36 -2.49 -4.97 -5.60
CA THR A 36 -2.88 -6.37 -5.54
C THR A 36 -1.89 -7.33 -6.19
N VAL A 37 -2.10 -8.61 -5.92
CA VAL A 37 -1.37 -9.68 -6.57
C VAL A 37 -1.44 -9.57 -8.08
N GLU A 38 -2.62 -9.27 -8.60
CA GLU A 38 -2.82 -9.13 -10.03
C GLU A 38 -1.99 -8.02 -10.64
N ASP A 39 -1.74 -6.96 -9.86
CA ASP A 39 -0.95 -5.82 -10.36
C ASP A 39 0.51 -6.22 -10.61
N LEU A 40 0.92 -7.36 -10.06
CA LEU A 40 2.32 -7.78 -10.16
C LEU A 40 2.55 -8.86 -11.21
N THR A 41 1.50 -9.39 -11.81
CA THR A 41 1.64 -10.59 -12.64
C THR A 41 2.26 -10.37 -14.02
N ASN A 42 2.30 -9.13 -14.54
CA ASN A 42 2.92 -8.96 -15.85
C ASN A 42 4.39 -8.54 -15.76
N GLY A 43 4.89 -8.39 -14.55
CA GLY A 43 6.32 -8.22 -14.32
C GLY A 43 6.85 -6.80 -14.32
N VAL A 44 6.03 -5.86 -14.76
CA VAL A 44 6.43 -4.46 -14.85
C VAL A 44 6.81 -3.87 -13.50
N VAL A 45 5.96 -4.04 -12.50
CA VAL A 45 6.27 -3.56 -11.15
C VAL A 45 7.57 -4.16 -10.61
N MET A 46 7.77 -5.47 -10.79
CA MET A 46 8.97 -6.08 -10.26
C MET A 46 10.21 -5.55 -10.99
N ALA A 47 10.10 -5.35 -12.29
CA ALA A 47 11.20 -4.78 -13.07
C ALA A 47 11.53 -3.38 -12.56
N GLN A 48 10.51 -2.58 -12.29
CA GLN A 48 10.73 -1.23 -11.77
C GLN A 48 11.34 -1.21 -10.38
N VAL A 49 11.00 -2.21 -9.56
CA VAL A 49 11.58 -2.32 -8.24
C VAL A 49 13.08 -2.72 -8.37
N LEU A 50 13.38 -3.63 -9.28
CA LEU A 50 14.78 -4.04 -9.48
C LEU A 50 15.59 -2.85 -9.95
N GLN A 51 14.98 -2.00 -10.78
CA GLN A 51 15.64 -0.75 -11.18
C GLN A 51 15.94 0.16 -9.98
N LYS A 52 15.01 0.25 -9.02
CA LYS A 52 15.27 1.05 -7.83
C LYS A 52 16.44 0.46 -7.07
N ILE A 53 16.47 -0.88 -6.96
CA ILE A 53 17.51 -1.57 -6.22
C ILE A 53 18.90 -1.36 -6.82
N ASP A 54 19.05 -1.61 -8.13
CA ASP A 54 20.28 -1.26 -8.83
C ASP A 54 20.00 -0.70 -10.21
N PRO A 55 19.88 0.64 -10.30
CA PRO A 55 19.55 1.29 -11.57
C PRO A 55 20.71 1.25 -12.56
N ALA A 56 21.91 0.95 -12.09
CA ALA A 56 23.05 0.84 -12.99
C ALA A 56 23.05 -0.48 -13.74
N TYR A 57 22.50 -1.53 -13.13
CA TYR A 57 22.39 -2.84 -13.77
C TYR A 57 21.05 -2.99 -14.47
N PHE A 58 19.97 -2.79 -13.71
CA PHE A 58 18.61 -2.82 -14.25
C PHE A 58 18.24 -1.44 -14.75
N ASP A 59 18.90 -1.01 -15.83
CA ASP A 59 18.69 0.35 -16.31
C ASP A 59 17.60 0.45 -17.38
N GLU A 60 17.41 1.65 -17.92
CA GLU A 60 16.34 1.90 -18.87
C GLU A 60 16.46 0.98 -20.08
N ASN A 61 17.68 0.71 -20.53
CA ASN A 61 17.90 -0.22 -21.62
C ASN A 61 17.46 -1.62 -21.23
N TRP A 62 17.84 -2.04 -20.03
CA TRP A 62 17.45 -3.34 -19.51
C TRP A 62 15.94 -3.49 -19.46
N LEU A 63 15.28 -2.47 -18.91
CA LEU A 63 13.82 -2.47 -18.78
C LEU A 63 13.09 -2.57 -20.11
N ASN A 64 13.79 -2.25 -21.20
CA ASN A 64 13.18 -2.28 -22.53
C ASN A 64 12.67 -3.65 -22.91
N ARG A 65 13.34 -4.69 -22.42
CA ARG A 65 12.98 -6.06 -22.76
C ARG A 65 11.63 -6.42 -22.13
N ILE A 66 11.22 -5.64 -21.15
CA ILE A 66 9.96 -5.92 -20.46
C ILE A 66 8.80 -5.20 -21.13
N LYS A 67 7.94 -5.97 -21.79
CA LYS A 67 6.79 -5.40 -22.48
C LYS A 67 5.78 -4.83 -21.49
N THR A 68 5.28 -3.62 -21.76
CA THR A 68 4.34 -2.98 -20.86
C THR A 68 2.90 -3.22 -21.28
N GLU A 69 2.61 -3.04 -22.57
CA GLU A 69 1.27 -3.29 -23.09
C GLU A 69 0.99 -4.77 -23.13
N VAL A 70 0.53 -5.31 -22.01
CA VAL A 70 0.38 -6.76 -21.88
C VAL A 70 -1.08 -7.19 -21.92
N GLY A 71 -1.91 -6.51 -21.14
CA GLY A 71 -3.31 -6.88 -21.04
C GLY A 71 -3.46 -8.26 -20.44
N ASP A 72 -4.32 -9.07 -21.05
CA ASP A 72 -4.59 -10.41 -20.55
C ASP A 72 -3.82 -11.46 -21.38
N ASN A 73 -2.78 -11.02 -22.06
CA ASN A 73 -1.88 -11.93 -22.76
C ASN A 73 -0.96 -12.62 -21.76
N TRP A 74 -1.38 -13.76 -21.23
CA TRP A 74 -0.65 -14.40 -20.14
C TRP A 74 0.63 -15.07 -20.62
N ARG A 75 0.69 -15.41 -21.91
CA ARG A 75 1.92 -15.92 -22.51
C ARG A 75 2.99 -14.83 -22.48
N LEU A 76 2.57 -13.60 -22.76
CA LEU A 76 3.47 -12.46 -22.69
C LEU A 76 3.91 -12.17 -21.25
N LYS A 77 2.99 -12.31 -20.29
CA LYS A 77 3.34 -12.14 -18.89
C LYS A 77 4.45 -13.09 -18.53
N ILE A 78 4.28 -14.35 -18.91
CA ILE A 78 5.28 -15.37 -18.61
C ILE A 78 6.62 -15.01 -19.21
N SER A 79 6.60 -14.56 -20.46
CA SER A 79 7.80 -14.11 -21.15
C SER A 79 8.53 -13.03 -20.36
N ASN A 80 7.79 -12.01 -19.94
CA ASN A 80 8.31 -10.96 -19.07
C ASN A 80 8.92 -11.51 -17.78
N LEU A 81 8.20 -12.41 -17.14
CA LEU A 81 8.61 -12.93 -15.84
C LEU A 81 9.87 -13.78 -15.93
N LYS A 82 10.04 -14.53 -17.02
CA LYS A 82 11.27 -15.30 -17.21
C LYS A 82 12.45 -14.36 -17.42
N LYS A 83 12.22 -13.23 -18.07
CA LYS A 83 13.31 -12.26 -18.25
C LYS A 83 13.73 -11.66 -16.90
N ILE A 84 12.74 -11.39 -16.04
CA ILE A 84 13.00 -10.87 -14.72
C ILE A 84 13.70 -11.91 -13.86
N LEU A 85 13.23 -13.15 -13.90
CA LEU A 85 13.86 -14.20 -13.10
C LEU A 85 15.32 -14.41 -13.54
N LYS A 86 15.52 -14.48 -14.86
CA LYS A 86 16.89 -14.62 -15.41
C LYS A 86 17.72 -13.41 -14.99
N GLY A 87 17.09 -12.24 -14.99
CA GLY A 87 17.75 -11.00 -14.56
C GLY A 87 18.22 -11.09 -13.13
N ILE A 88 17.38 -11.61 -12.25
CA ILE A 88 17.72 -11.77 -10.84
C ILE A 88 18.89 -12.76 -10.71
N LEU A 89 18.79 -13.91 -11.37
CA LEU A 89 19.86 -14.89 -11.34
C LEU A 89 21.16 -14.31 -11.89
N ASP A 90 21.08 -13.54 -12.97
CA ASP A 90 22.27 -12.99 -13.59
C ASP A 90 22.91 -11.91 -12.70
N TYR A 91 22.08 -11.11 -12.05
CA TYR A 91 22.59 -10.06 -11.16
C TYR A 91 23.36 -10.71 -10.00
N ASN A 92 22.78 -11.78 -9.48
CA ASN A 92 23.33 -12.54 -8.38
C ASN A 92 24.67 -13.15 -8.75
N HIS A 93 24.77 -13.63 -10.00
CA HIS A 93 25.99 -14.23 -10.52
C HIS A 93 27.03 -13.17 -10.97
N GLU A 94 26.56 -12.15 -11.68
CA GLU A 94 27.49 -11.21 -12.33
C GLU A 94 27.95 -10.08 -11.44
N ILE A 95 27.10 -9.67 -10.50
CA ILE A 95 27.38 -8.48 -9.70
C ILE A 95 27.58 -8.77 -8.21
N LEU A 96 26.64 -9.50 -7.62
CA LEU A 96 26.64 -9.67 -6.18
C LEU A 96 27.77 -10.57 -5.70
N GLY A 97 28.51 -10.09 -4.70
CA GLY A 97 29.53 -10.88 -4.06
C GLY A 97 28.86 -11.95 -3.23
N GLN A 98 28.03 -11.52 -2.28
CA GLN A 98 27.25 -12.43 -1.46
C GLN A 98 25.97 -12.84 -2.17
N GLN A 99 25.92 -14.11 -2.59
CA GLN A 99 24.78 -14.64 -3.33
C GLN A 99 23.52 -14.66 -2.48
N ILE A 100 22.38 -14.61 -3.15
CA ILE A 100 21.08 -14.65 -2.46
C ILE A 100 20.66 -16.09 -2.20
N ASN A 101 19.48 -16.28 -1.64
CA ASN A 101 18.94 -17.61 -1.39
C ASN A 101 17.96 -18.02 -2.48
N ASP A 102 18.47 -18.72 -3.49
CA ASP A 102 17.66 -19.08 -4.66
C ASP A 102 17.62 -20.58 -4.91
N PHE A 103 17.63 -21.37 -3.83
CA PHE A 103 17.55 -22.82 -3.96
C PHE A 103 16.24 -23.21 -4.64
N THR A 104 15.15 -22.63 -4.17
CA THR A 104 13.84 -22.86 -4.75
C THR A 104 13.42 -21.63 -5.55
N LEU A 105 13.20 -21.82 -6.84
CA LEU A 105 12.82 -20.71 -7.70
C LEU A 105 11.32 -20.62 -7.84
N PRO A 106 10.79 -19.40 -8.04
CA PRO A 106 9.38 -19.26 -8.38
C PRO A 106 9.09 -19.95 -9.70
N ASP A 107 7.94 -20.60 -9.83
CA ASP A 107 7.47 -21.07 -11.14
C ASP A 107 6.67 -19.94 -11.78
N VAL A 108 7.33 -19.16 -12.63
CA VAL A 108 6.68 -17.95 -13.13
C VAL A 108 5.59 -18.29 -14.13
N ASN A 109 5.60 -19.51 -14.66
CA ASN A 109 4.47 -19.94 -15.49
C ASN A 109 3.16 -19.87 -14.73
N LEU A 110 3.21 -20.21 -13.45
CA LEU A 110 2.00 -20.21 -12.62
C LEU A 110 1.58 -18.79 -12.25
N ILE A 111 2.56 -17.89 -12.17
CA ILE A 111 2.26 -16.49 -11.89
C ILE A 111 1.52 -15.89 -13.08
N GLY A 112 2.10 -16.09 -14.27
CA GLY A 112 1.53 -15.54 -15.49
C GLY A 112 0.18 -16.13 -15.86
N GLU A 113 0.07 -17.45 -15.80
CA GLU A 113 -1.14 -18.10 -16.26
C GLU A 113 -2.26 -18.09 -15.21
N HIS A 114 -1.89 -18.16 -13.94
CA HIS A 114 -2.89 -18.36 -12.90
C HIS A 114 -2.87 -17.33 -11.77
N SER A 115 -2.03 -16.30 -11.91
CA SER A 115 -1.85 -15.32 -10.84
C SER A 115 -1.60 -16.01 -9.49
N ASP A 116 -0.76 -17.04 -9.52
CA ASP A 116 -0.45 -17.83 -8.33
C ASP A 116 0.28 -17.02 -7.28
N ALA A 117 -0.39 -16.72 -6.17
CA ALA A 117 0.21 -15.87 -5.13
C ALA A 117 1.40 -16.52 -4.45
N ALA A 118 1.36 -17.84 -4.28
CA ALA A 118 2.44 -18.54 -3.60
C ALA A 118 3.74 -18.43 -4.41
N GLU A 119 3.62 -18.60 -5.72
CA GLU A 119 4.79 -18.46 -6.57
C GLU A 119 5.24 -17.02 -6.62
N LEU A 120 4.30 -16.08 -6.66
CA LEU A 120 4.67 -14.66 -6.70
C LEU A 120 5.42 -14.28 -5.43
N GLY A 121 5.00 -14.85 -4.30
CA GLY A 121 5.69 -14.61 -3.04
C GLY A 121 7.14 -15.05 -3.08
N ARG A 122 7.41 -16.20 -3.69
CA ARG A 122 8.79 -16.67 -3.84
C ARG A 122 9.63 -15.69 -4.67
N MET A 123 9.04 -15.15 -5.72
CA MET A 123 9.75 -14.19 -6.56
C MET A 123 10.07 -12.92 -5.78
N LEU A 124 9.10 -12.44 -5.00
CA LEU A 124 9.31 -11.24 -4.20
C LEU A 124 10.39 -11.44 -3.15
N GLN A 125 10.49 -12.65 -2.61
CA GLN A 125 11.56 -13.02 -1.67
C GLN A 125 12.91 -12.91 -2.33
N LEU A 126 13.01 -13.36 -3.58
CA LEU A 126 14.26 -13.22 -4.33
C LEU A 126 14.65 -11.75 -4.50
N ILE A 127 13.66 -10.94 -4.84
CA ILE A 127 13.91 -9.52 -5.03
C ILE A 127 14.31 -8.85 -3.71
N LEU A 128 13.63 -9.20 -2.62
CA LEU A 128 14.07 -8.71 -1.31
C LEU A 128 15.51 -9.18 -1.02
N GLY A 129 15.84 -10.41 -1.43
CA GLY A 129 17.21 -10.90 -1.33
C GLY A 129 18.22 -10.01 -2.05
N CYS A 130 17.84 -9.56 -3.24
CA CYS A 130 18.68 -8.61 -3.96
C CYS A 130 18.84 -7.31 -3.19
N ALA A 131 17.74 -6.81 -2.64
CA ALA A 131 17.76 -5.54 -1.92
C ALA A 131 18.66 -5.59 -0.69
N VAL A 132 18.62 -6.68 0.06
CA VAL A 132 19.38 -6.72 1.32
C VAL A 132 20.78 -7.29 1.16
N ASN A 133 21.18 -7.62 -0.08
CA ASN A 133 22.54 -8.02 -0.41
C ASN A 133 23.26 -7.07 -1.37
N CYS A 134 22.56 -6.08 -1.89
CA CYS A 134 23.19 -5.15 -2.84
C CYS A 134 24.02 -4.09 -2.09
N GLU A 135 24.69 -3.22 -2.85
CA GLU A 135 25.56 -2.18 -2.27
C GLU A 135 24.79 -1.24 -1.36
N GLN A 136 23.51 -1.04 -1.67
CA GLN A 136 22.66 -0.13 -0.91
C GLN A 136 21.87 -0.85 0.19
N LYS A 137 22.34 -2.01 0.62
CA LYS A 137 21.55 -2.84 1.53
C LYS A 137 21.22 -2.16 2.86
N GLN A 138 22.10 -1.30 3.36
CA GLN A 138 21.76 -0.62 4.62
C GLN A 138 20.54 0.27 4.46
N GLU A 139 20.38 0.86 3.27
CA GLU A 139 19.20 1.67 2.97
C GLU A 139 17.93 0.83 3.01
N TYR A 140 17.99 -0.34 2.38
CA TYR A 140 16.81 -1.19 2.30
C TYR A 140 16.50 -1.85 3.62
N ILE A 141 17.52 -2.20 4.39
CA ILE A 141 17.28 -2.72 5.73
C ILE A 141 16.65 -1.65 6.63
N GLN A 142 17.15 -0.41 6.55
CA GLN A 142 16.52 0.68 7.30
C GLN A 142 15.06 0.88 6.90
N ALA A 143 14.77 0.77 5.60
CA ALA A 143 13.41 1.00 5.12
C ALA A 143 12.49 -0.10 5.63
N ILE A 144 13.02 -1.32 5.75
CA ILE A 144 12.21 -2.42 6.29
C ILE A 144 11.90 -2.19 7.78
N MET A 145 12.90 -1.75 8.56
CA MET A 145 12.65 -1.50 9.97
C MET A 145 11.69 -0.31 10.16
N MET A 146 11.71 0.64 9.22
CA MET A 146 10.74 1.73 9.27
C MET A 146 9.30 1.27 8.99
N MET A 147 9.12 0.11 8.35
CA MET A 147 7.79 -0.48 8.24
C MET A 147 7.26 -0.84 9.62
N GLU A 148 8.17 -1.24 10.51
CA GLU A 148 7.80 -1.52 11.88
C GLU A 148 7.36 -0.26 12.62
N GLU A 149 8.13 0.80 12.45
CA GLU A 149 7.82 2.09 13.09
C GLU A 149 6.49 2.61 12.60
N SER A 150 6.23 2.44 11.30
CA SER A 150 5.00 2.93 10.69
C SER A 150 3.77 2.24 11.26
N VAL A 151 3.83 0.91 11.41
CA VAL A 151 2.68 0.19 11.95
C VAL A 151 2.40 0.61 13.38
N GLN A 152 3.43 0.88 14.17
CA GLN A 152 3.18 1.33 15.53
C GLN A 152 2.43 2.66 15.57
N HIS A 153 2.62 3.52 14.55
CA HIS A 153 1.84 4.77 14.51
C HIS A 153 0.34 4.49 14.31
N VAL A 154 0.06 3.48 13.49
CA VAL A 154 -1.32 3.07 13.25
C VAL A 154 -1.92 2.53 14.54
N VAL A 155 -1.17 1.69 15.23
CA VAL A 155 -1.65 1.06 16.46
C VAL A 155 -1.85 2.12 17.54
N MET A 156 -0.90 3.04 17.68
CA MET A 156 -1.06 4.13 18.66
C MET A 156 -2.26 5.00 18.32
N THR A 157 -2.51 5.24 17.03
CA THR A 157 -3.70 6.01 16.65
C THR A 157 -4.97 5.28 17.07
N ALA A 158 -5.02 3.98 16.82
CA ALA A 158 -6.19 3.19 17.23
C ALA A 158 -6.41 3.26 18.73
N ILE A 159 -5.33 3.11 19.50
CA ILE A 159 -5.42 3.17 20.94
C ILE A 159 -5.94 4.53 21.40
N GLN A 160 -5.40 5.59 20.81
CA GLN A 160 -5.87 6.92 21.17
C GLN A 160 -7.32 7.16 20.75
N GLU A 161 -7.77 6.52 19.68
CA GLU A 161 -9.18 6.70 19.29
C GLU A 161 -10.09 5.89 20.20
N LEU A 162 -9.52 4.96 20.97
CA LEU A 162 -10.31 4.19 21.95
C LEU A 162 -10.31 4.78 23.37
N MET A 163 -9.31 5.60 23.67
CA MET A 163 -9.23 6.21 25.00
C MET A 163 -10.17 7.41 25.08
N SER B 11 6.16 20.54 7.89
CA SER B 11 6.87 20.09 6.71
C SER B 11 6.63 18.61 6.47
N LEU B 12 7.71 17.82 6.57
CA LEU B 12 7.62 16.38 6.35
C LEU B 12 7.16 15.66 7.61
N GLU B 13 7.25 16.34 8.75
CA GLU B 13 6.71 15.81 10.00
C GLU B 13 5.20 15.97 9.99
N ARG B 14 4.51 15.11 10.74
CA ARG B 14 3.04 15.01 10.76
C ARG B 14 2.50 14.49 9.43
N ALA B 15 3.28 14.70 8.38
CA ALA B 15 3.05 14.00 7.12
C ALA B 15 3.37 12.54 7.32
N GLU B 16 4.28 12.25 8.26
CA GLU B 16 4.65 10.88 8.59
C GLU B 16 3.45 10.07 9.08
N LEU B 17 2.64 10.66 9.95
CA LEU B 17 1.43 10.00 10.42
C LEU B 17 0.53 9.71 9.23
N CYS B 18 0.44 10.67 8.30
CA CYS B 18 -0.45 10.48 7.15
C CYS B 18 0.01 9.29 6.30
N GLU B 19 1.31 9.18 6.08
CA GLU B 19 1.86 8.07 5.33
C GLU B 19 1.58 6.73 6.02
N SER B 20 1.68 6.69 7.34
CA SER B 20 1.35 5.46 8.08
C SER B 20 -0.13 5.11 7.95
N LEU B 21 -0.99 6.11 8.09
CA LEU B 21 -2.42 5.86 7.98
C LEU B 21 -2.81 5.45 6.57
N LEU B 22 -2.02 5.90 5.59
CA LEU B 22 -2.25 5.48 4.22
C LEU B 22 -2.08 3.97 4.11
N THR B 23 -1.12 3.41 4.84
CA THR B 23 -0.92 1.96 4.78
C THR B 23 -2.11 1.27 5.41
N TRP B 24 -2.69 1.88 6.45
CA TRP B 24 -3.93 1.36 7.02
C TRP B 24 -5.09 1.42 6.01
N ILE B 25 -5.22 2.54 5.31
CA ILE B 25 -6.25 2.66 4.26
C ILE B 25 -6.11 1.55 3.22
N GLN B 26 -4.86 1.19 2.91
CA GLN B 26 -4.63 0.18 1.89
C GLN B 26 -5.14 -1.22 2.32
N THR B 27 -5.39 -1.45 3.61
CA THR B 27 -5.91 -2.76 4.04
C THR B 27 -7.37 -2.96 3.64
N PHE B 28 -8.03 -1.89 3.20
CA PHE B 28 -9.45 -2.00 2.86
C PHE B 28 -9.70 -2.51 1.45
N ASN B 29 -8.67 -2.44 0.61
CA ASN B 29 -8.78 -2.81 -0.81
C ASN B 29 -10.03 -2.26 -1.49
N VAL B 30 -10.17 -0.94 -1.48
CA VAL B 30 -11.28 -0.30 -2.17
C VAL B 30 -10.97 -0.17 -3.65
N ASP B 31 -11.99 0.06 -4.46
CA ASP B 31 -11.83 0.05 -5.91
C ASP B 31 -10.92 1.16 -6.43
N ALA B 32 -11.08 2.36 -5.88
CA ALA B 32 -10.26 3.49 -6.31
C ALA B 32 -8.80 3.28 -5.87
N PRO B 33 -7.85 3.77 -6.67
CA PRO B 33 -6.43 3.70 -6.32
C PRO B 33 -6.11 4.50 -5.06
N CYS B 34 -5.27 3.96 -4.19
CA CYS B 34 -4.94 4.64 -2.94
C CYS B 34 -3.48 4.47 -2.54
N GLN B 35 -2.57 4.77 -3.46
CA GLN B 35 -1.16 4.53 -3.20
C GLN B 35 -0.43 5.75 -2.65
N THR B 36 -0.94 6.94 -2.97
CA THR B 36 -0.29 8.18 -2.54
C THR B 36 -1.25 9.15 -1.86
N VAL B 37 -0.71 10.15 -1.19
CA VAL B 37 -1.51 11.23 -0.64
C VAL B 37 -2.42 11.85 -1.72
N GLU B 38 -1.86 12.07 -2.90
CA GLU B 38 -2.62 12.67 -3.98
C GLU B 38 -3.85 11.84 -4.33
N ASP B 39 -3.76 10.51 -4.18
CA ASP B 39 -4.89 9.64 -4.52
C ASP B 39 -6.08 9.85 -3.57
N LEU B 40 -5.83 10.47 -2.42
CA LEU B 40 -6.89 10.65 -1.43
C LEU B 40 -7.50 12.05 -1.40
N THR B 41 -6.96 12.96 -2.20
CA THR B 41 -7.36 14.37 -2.06
C THR B 41 -8.76 14.69 -2.62
N ASN B 42 -9.33 13.83 -3.48
CA ASN B 42 -10.65 14.17 -4.00
C ASN B 42 -11.80 13.54 -3.19
N GLY B 43 -11.45 12.79 -2.15
CA GLY B 43 -12.42 12.25 -1.22
C GLY B 43 -13.04 10.90 -1.59
N VAL B 44 -12.88 10.49 -2.83
CA VAL B 44 -13.51 9.25 -3.30
C VAL B 44 -13.04 8.02 -2.51
N VAL B 45 -11.71 7.85 -2.35
CA VAL B 45 -11.22 6.73 -1.55
C VAL B 45 -11.77 6.74 -0.13
N MET B 46 -11.74 7.91 0.51
CA MET B 46 -12.21 7.97 1.90
C MET B 46 -13.70 7.61 1.96
N ALA B 47 -14.46 8.07 0.98
CA ALA B 47 -15.89 7.76 0.93
C ALA B 47 -16.09 6.25 0.78
N GLN B 48 -15.27 5.61 -0.05
CA GLN B 48 -15.38 4.17 -0.23
C GLN B 48 -14.96 3.41 1.02
N VAL B 49 -14.03 3.96 1.79
CA VAL B 49 -13.60 3.33 3.02
C VAL B 49 -14.70 3.45 4.06
N LEU B 50 -15.36 4.61 4.11
CA LEU B 50 -16.47 4.78 5.06
C LEU B 50 -17.61 3.80 4.74
N GLN B 51 -17.85 3.56 3.45
CA GLN B 51 -18.85 2.58 3.07
C GLN B 51 -18.46 1.18 3.55
N LYS B 52 -17.18 0.84 3.51
CA LYS B 52 -16.78 -0.46 4.03
C LYS B 52 -17.04 -0.52 5.52
N ILE B 53 -16.73 0.57 6.22
CA ILE B 53 -16.88 0.61 7.67
C ILE B 53 -18.34 0.50 8.11
N ASP B 54 -19.21 1.27 7.48
CA ASP B 54 -20.66 1.09 7.69
C ASP B 54 -21.43 1.29 6.38
N PRO B 55 -21.67 0.19 5.67
CA PRO B 55 -22.35 0.28 4.37
C PRO B 55 -23.85 0.55 4.52
N ALA B 56 -24.38 0.47 5.73
CA ALA B 56 -25.79 0.73 5.98
C ALA B 56 -26.04 2.22 6.15
N TYR B 57 -25.05 2.92 6.70
CA TYR B 57 -25.10 4.36 6.86
C TYR B 57 -24.54 5.06 5.63
N PHE B 58 -23.33 4.68 5.25
CA PHE B 58 -22.66 5.24 4.08
C PHE B 58 -23.00 4.37 2.89
N ASP B 59 -24.26 4.38 2.50
CA ASP B 59 -24.74 3.47 1.48
C ASP B 59 -24.65 4.10 0.10
N GLU B 60 -25.16 3.40 -0.90
CA GLU B 60 -25.08 3.88 -2.28
C GLU B 60 -25.74 5.26 -2.43
N ASN B 61 -26.89 5.44 -1.79
CA ASN B 61 -27.57 6.73 -1.78
C ASN B 61 -26.71 7.81 -1.14
N TRP B 62 -26.06 7.48 -0.03
CA TRP B 62 -25.22 8.47 0.64
C TRP B 62 -24.05 8.87 -0.27
N LEU B 63 -23.44 7.88 -0.89
CA LEU B 63 -22.28 8.10 -1.76
C LEU B 63 -22.60 8.93 -3.00
N ASN B 64 -23.89 9.09 -3.30
CA ASN B 64 -24.29 9.86 -4.48
C ASN B 64 -24.04 11.36 -4.34
N ARG B 65 -23.70 11.80 -3.13
CA ARG B 65 -23.38 13.20 -2.92
C ARG B 65 -21.92 13.45 -3.30
N ILE B 66 -21.15 12.37 -3.40
CA ILE B 66 -19.71 12.47 -3.65
C ILE B 66 -19.42 12.38 -5.15
N LYS B 67 -18.97 13.49 -5.72
CA LYS B 67 -18.67 13.54 -7.16
C LYS B 67 -17.42 12.74 -7.45
N THR B 68 -17.51 11.84 -8.42
CA THR B 68 -16.44 10.89 -8.70
C THR B 68 -15.42 11.44 -9.69
N GLU B 69 -15.91 12.07 -10.75
CA GLU B 69 -15.05 12.67 -11.75
C GLU B 69 -14.80 14.14 -11.41
N VAL B 70 -13.65 14.40 -10.81
CA VAL B 70 -13.32 15.71 -10.26
C VAL B 70 -12.15 16.36 -10.99
N GLY B 71 -11.19 15.55 -11.38
CA GLY B 71 -10.02 16.05 -12.08
C GLY B 71 -9.16 16.93 -11.20
N ASP B 72 -8.71 18.05 -11.75
CA ASP B 72 -7.88 18.98 -11.00
C ASP B 72 -8.70 20.17 -10.50
N ASN B 73 -10.02 20.00 -10.44
CA ASN B 73 -10.89 20.99 -9.84
C ASN B 73 -10.79 20.89 -8.32
N TRP B 74 -9.96 21.72 -7.70
CA TRP B 74 -9.72 21.57 -6.27
C TRP B 74 -10.88 22.14 -5.45
N ARG B 75 -11.69 22.99 -6.04
CA ARG B 75 -12.84 23.51 -5.31
C ARG B 75 -13.88 22.41 -5.19
N LEU B 76 -13.92 21.53 -6.18
CA LEU B 76 -14.78 20.37 -6.14
C LEU B 76 -14.29 19.33 -5.12
N LYS B 77 -12.96 19.16 -5.04
CA LYS B 77 -12.39 18.27 -4.03
C LYS B 77 -12.82 18.75 -2.66
N ILE B 78 -12.73 20.06 -2.45
CA ILE B 78 -13.09 20.63 -1.16
C ILE B 78 -14.56 20.37 -0.86
N SER B 79 -15.40 20.52 -1.87
CA SER B 79 -16.83 20.23 -1.75
C SER B 79 -17.04 18.77 -1.31
N ASN B 80 -16.41 17.83 -2.01
CA ASN B 80 -16.47 16.43 -1.60
C ASN B 80 -15.98 16.24 -0.17
N LEU B 81 -14.84 16.83 0.15
CA LEU B 81 -14.22 16.60 1.45
C LEU B 81 -15.08 17.14 2.59
N LYS B 82 -15.75 18.27 2.37
CA LYS B 82 -16.62 18.81 3.40
C LYS B 82 -17.83 17.89 3.62
N LYS B 83 -18.34 17.28 2.56
CA LYS B 83 -19.42 16.30 2.69
C LYS B 83 -18.96 15.09 3.49
N ILE B 84 -17.71 14.68 3.28
CA ILE B 84 -17.16 13.53 4.00
C ILE B 84 -16.93 13.84 5.47
N LEU B 85 -16.38 15.02 5.76
CA LEU B 85 -16.16 15.44 7.14
C LEU B 85 -17.49 15.56 7.88
N LYS B 86 -18.47 16.18 7.24
CA LYS B 86 -19.80 16.28 7.83
C LYS B 86 -20.40 14.91 8.08
N GLY B 87 -20.23 14.00 7.11
CA GLY B 87 -20.68 12.64 7.26
C GLY B 87 -20.04 11.92 8.44
N ILE B 88 -18.73 12.13 8.64
CA ILE B 88 -18.04 11.54 9.79
C ILE B 88 -18.59 12.09 11.09
N LEU B 89 -18.77 13.41 11.15
CA LEU B 89 -19.30 14.04 12.35
C LEU B 89 -20.73 13.59 12.64
N ASP B 90 -21.56 13.51 11.59
CA ASP B 90 -22.94 13.06 11.76
C ASP B 90 -22.99 11.60 12.18
N TYR B 91 -22.13 10.76 11.62
CA TYR B 91 -22.07 9.35 12.00
C TYR B 91 -21.73 9.21 13.48
N ASN B 92 -20.72 9.96 13.91
CA ASN B 92 -20.27 9.97 15.29
C ASN B 92 -21.40 10.41 16.24
N HIS B 93 -22.13 11.44 15.84
CA HIS B 93 -23.23 11.96 16.65
C HIS B 93 -24.48 11.06 16.61
N GLU B 94 -24.82 10.52 15.43
CA GLU B 94 -26.12 9.86 15.26
C GLU B 94 -26.10 8.38 15.55
N ILE B 95 -24.96 7.74 15.32
CA ILE B 95 -24.90 6.29 15.39
C ILE B 95 -23.94 5.80 16.47
N LEU B 96 -22.76 6.41 16.56
CA LEU B 96 -21.74 5.89 17.47
C LEU B 96 -22.02 6.23 18.93
N GLY B 97 -21.84 5.23 19.78
CA GLY B 97 -21.94 5.41 21.22
C GLY B 97 -20.73 6.14 21.76
N GLN B 98 -19.58 5.48 21.71
CA GLN B 98 -18.33 6.12 22.14
C GLN B 98 -17.90 7.16 21.12
N GLN B 99 -17.78 8.40 21.57
CA GLN B 99 -17.38 9.51 20.73
C GLN B 99 -15.93 9.36 20.24
N ILE B 100 -15.71 9.58 18.96
CA ILE B 100 -14.35 9.62 18.43
C ILE B 100 -13.66 10.91 18.88
N ASN B 101 -12.33 10.92 18.82
CA ASN B 101 -11.58 12.10 19.24
C ASN B 101 -11.51 13.15 18.12
N ASP B 102 -12.48 14.06 18.14
CA ASP B 102 -12.60 15.09 17.11
C ASP B 102 -12.32 16.48 17.67
N PHE B 103 -11.37 16.57 18.59
CA PHE B 103 -11.05 17.83 19.26
C PHE B 103 -10.32 18.77 18.31
N THR B 104 -9.64 18.22 17.31
CA THR B 104 -9.02 19.03 16.27
C THR B 104 -9.38 18.50 14.90
N LEU B 105 -10.24 19.21 14.18
CA LEU B 105 -10.72 18.72 12.89
C LEU B 105 -9.73 19.04 11.78
N PRO B 106 -9.70 18.17 10.75
CA PRO B 106 -8.96 18.48 9.53
C PRO B 106 -9.48 19.74 8.86
N ASP B 107 -8.58 20.59 8.41
CA ASP B 107 -9.00 21.69 7.55
C ASP B 107 -8.99 21.16 6.13
N VAL B 108 -10.17 20.78 5.62
CA VAL B 108 -10.24 20.11 4.32
C VAL B 108 -9.99 21.07 3.17
N ASN B 109 -10.02 22.37 3.46
CA ASN B 109 -9.64 23.34 2.45
C ASN B 109 -8.19 23.17 2.05
N LEU B 110 -7.34 22.82 3.01
CA LEU B 110 -5.92 22.62 2.71
C LEU B 110 -5.68 21.29 1.99
N ILE B 111 -6.50 20.28 2.28
CA ILE B 111 -6.39 19.00 1.60
C ILE B 111 -6.73 19.19 0.12
N GLY B 112 -7.85 19.84 -0.14
CA GLY B 112 -8.30 20.08 -1.49
C GLY B 112 -7.38 20.97 -2.30
N GLU B 113 -7.05 22.14 -1.76
CA GLU B 113 -6.29 23.12 -2.53
C GLU B 113 -4.78 22.80 -2.61
N HIS B 114 -4.23 22.22 -1.55
CA HIS B 114 -2.79 22.02 -1.50
C HIS B 114 -2.31 20.59 -1.22
N SER B 115 -3.23 19.62 -1.16
CA SER B 115 -2.87 18.23 -0.86
C SER B 115 -2.05 18.14 0.43
N ASP B 116 -2.44 18.94 1.41
CA ASP B 116 -1.76 19.01 2.70
C ASP B 116 -1.85 17.67 3.43
N ALA B 117 -0.71 17.01 3.55
CA ALA B 117 -0.66 15.68 4.16
C ALA B 117 -0.96 15.69 5.65
N ALA B 118 -0.56 16.74 6.36
CA ALA B 118 -0.86 16.85 7.79
C ALA B 118 -2.37 16.88 8.05
N GLU B 119 -3.10 17.66 7.27
CA GLU B 119 -4.55 17.70 7.41
C GLU B 119 -5.18 16.38 6.99
N LEU B 120 -4.67 15.79 5.92
CA LEU B 120 -5.23 14.52 5.47
C LEU B 120 -5.04 13.47 6.56
N GLY B 121 -3.89 13.50 7.23
CA GLY B 121 -3.64 12.56 8.30
C GLY B 121 -4.66 12.70 9.44
N ARG B 122 -5.03 13.94 9.74
CA ARG B 122 -6.08 14.18 10.75
C ARG B 122 -7.40 13.57 10.31
N MET B 123 -7.72 13.69 9.03
CA MET B 123 -8.96 13.15 8.49
C MET B 123 -8.94 11.63 8.55
N LEU B 124 -7.80 11.04 8.17
CA LEU B 124 -7.68 9.59 8.24
C LEU B 124 -7.81 9.07 9.68
N GLN B 125 -7.29 9.84 10.64
N GLN B 125 -7.32 9.84 10.65
CA GLN B 125 -7.43 9.52 12.06
CA GLN B 125 -7.43 9.44 12.06
C GLN B 125 -8.90 9.40 12.44
C GLN B 125 -8.89 9.44 12.52
N LEU B 126 -9.70 10.36 11.99
CA LEU B 126 -11.12 10.37 12.25
C LEU B 126 -11.76 9.13 11.68
N ILE B 127 -11.35 8.75 10.48
CA ILE B 127 -11.93 7.58 9.83
C ILE B 127 -11.56 6.31 10.62
N LEU B 128 -10.30 6.21 11.05
CA LEU B 128 -9.89 5.12 11.91
C LEU B 128 -10.69 5.12 13.22
N GLY B 129 -10.97 6.30 13.75
CA GLY B 129 -11.87 6.42 14.89
C GLY B 129 -13.23 5.79 14.67
N CYS B 130 -13.83 6.01 13.50
CA CYS B 130 -15.09 5.36 13.17
C CYS B 130 -14.93 3.84 13.10
N ALA B 131 -13.86 3.38 12.48
CA ALA B 131 -13.62 1.94 12.35
C ALA B 131 -13.49 1.24 13.71
N VAL B 132 -12.77 1.85 14.66
CA VAL B 132 -12.50 1.12 15.90
C VAL B 132 -13.59 1.38 16.94
N ASN B 133 -14.61 2.14 16.57
CA ASN B 133 -15.73 2.38 17.47
C ASN B 133 -17.07 1.89 16.94
N CYS B 134 -17.09 1.43 15.68
CA CYS B 134 -18.32 1.01 15.05
C CYS B 134 -18.73 -0.39 15.53
N GLU B 135 -19.90 -0.84 15.07
CA GLU B 135 -20.41 -2.16 15.42
C GLU B 135 -19.42 -3.28 15.08
N GLN B 136 -18.73 -3.12 13.95
CA GLN B 136 -17.74 -4.10 13.51
C GLN B 136 -16.33 -3.87 14.08
N LYS B 137 -16.21 -3.11 15.16
CA LYS B 137 -14.88 -2.67 15.61
C LYS B 137 -13.89 -3.81 15.90
N GLN B 138 -14.38 -4.96 16.35
CA GLN B 138 -13.46 -6.05 16.62
C GLN B 138 -12.79 -6.52 15.33
N GLU B 139 -13.53 -6.56 14.23
CA GLU B 139 -12.95 -6.87 12.92
C GLU B 139 -11.84 -5.89 12.54
N TYR B 140 -12.08 -4.59 12.75
CA TYR B 140 -11.09 -3.61 12.33
C TYR B 140 -9.88 -3.56 13.27
N ILE B 141 -10.10 -3.78 14.56
CA ILE B 141 -8.97 -3.93 15.48
C ILE B 141 -8.13 -5.16 15.16
N GLN B 142 -8.79 -6.27 14.82
CA GLN B 142 -8.06 -7.46 14.41
C GLN B 142 -7.21 -7.18 13.17
N ALA B 143 -7.75 -6.38 12.24
CA ALA B 143 -7.06 -6.07 11.00
C ALA B 143 -5.83 -5.23 11.27
N ILE B 144 -5.95 -4.30 12.21
CA ILE B 144 -4.82 -3.45 12.60
C ILE B 144 -3.72 -4.28 13.24
N MET B 145 -4.08 -5.20 14.13
CA MET B 145 -3.07 -6.07 14.73
C MET B 145 -2.46 -7.01 13.70
N MET B 146 -3.23 -7.35 12.66
CA MET B 146 -2.65 -8.19 11.59
C MET B 146 -1.61 -7.44 10.76
N MET B 147 -1.66 -6.10 10.73
CA MET B 147 -0.62 -5.30 10.10
C MET B 147 0.72 -5.52 10.82
N GLU B 148 0.67 -5.67 12.14
CA GLU B 148 1.87 -6.03 12.88
C GLU B 148 2.42 -7.39 12.48
N GLU B 149 1.53 -8.37 12.39
CA GLU B 149 1.95 -9.72 12.01
C GLU B 149 2.59 -9.69 10.62
N SER B 150 1.96 -8.94 9.71
CA SER B 150 2.43 -8.82 8.34
C SER B 150 3.85 -8.26 8.26
N VAL B 151 4.12 -7.17 8.97
CA VAL B 151 5.47 -6.61 8.93
C VAL B 151 6.51 -7.59 9.47
N GLN B 152 6.15 -8.36 10.50
CA GLN B 152 7.07 -9.38 11.00
C GLN B 152 7.44 -10.41 9.94
N HIS B 153 6.52 -10.68 9.00
CA HIS B 153 6.84 -11.64 7.94
C HIS B 153 7.90 -11.05 7.01
N VAL B 154 7.80 -9.76 6.73
CA VAL B 154 8.78 -9.08 5.90
C VAL B 154 10.14 -9.10 6.58
N VAL B 155 10.15 -8.77 7.87
CA VAL B 155 11.39 -8.77 8.64
C VAL B 155 12.04 -10.15 8.69
N MET B 156 11.23 -11.19 8.96
CA MET B 156 11.79 -12.54 9.01
C MET B 156 12.32 -12.95 7.63
N THR B 157 11.66 -12.52 6.56
CA THR B 157 12.16 -12.82 5.21
C THR B 157 13.54 -12.18 5.00
N ALA B 158 13.66 -10.91 5.40
CA ALA B 158 14.93 -10.22 5.25
C ALA B 158 16.03 -10.93 6.03
N ILE B 159 15.71 -11.33 7.25
CA ILE B 159 16.68 -12.04 8.08
C ILE B 159 17.13 -13.35 7.41
N GLN B 160 16.16 -14.12 6.91
CA GLN B 160 16.49 -15.37 6.25
C GLN B 160 17.35 -15.15 4.99
N GLU B 161 17.12 -14.04 4.28
CA GLU B 161 17.91 -13.71 3.08
C GLU B 161 19.30 -13.17 3.43
N LEU B 162 19.49 -12.78 4.68
CA LEU B 162 20.81 -12.38 5.18
C LEU B 162 21.60 -13.53 5.76
N MET B 163 20.89 -14.57 6.22
CA MET B 163 21.55 -15.73 6.82
C MET B 163 22.13 -16.65 5.75
#